data_2N6S
#
_entry.id   2N6S
#
_entity_poly.entity_id   1
_entity_poly.type   'polyribonucleotide'
_entity_poly.pdbx_seq_one_letter_code
;GGAAUUUAUGAGUACCUUCGGAUACUUAUAGAUUCC
;
_entity_poly.pdbx_strand_id   A
#